data_3H05
#
_entry.id   3H05
#
_cell.length_a   41.206
_cell.length_b   70.722
_cell.length_c   130.495
_cell.angle_alpha   90.000
_cell.angle_beta   90.000
_cell.angle_gamma   90.000
#
_symmetry.space_group_name_H-M   'P 21 21 21'
#
loop_
_entity.id
_entity.type
_entity.pdbx_description
1 polymer 'uncharacterized protein VPA0413'
2 non-polymer 'CHLORIDE ION'
3 water water
#
_entity_poly.entity_id   1
_entity_poly.type   'polypeptide(L)'
_entity_poly.pdbx_seq_one_letter_code
;MKKIAIFGSAFNPPSLGHKSVIESLSHFDLVLLEPSIAHAWGKNMLDYPIRCKLVDAFIKDMGLSNVQRSDLEQALYQPG
QSVTTYALLEKIQEIYPTADITFVIGPDNFFKFAKFYKAEEITERWTVMACPEKVKIRSTDIRNALIEGKDISTYTTPTV
SELLLNEGLYRETLSGK
;
_entity_poly.pdbx_strand_id   A,B
#
loop_
_chem_comp.id
_chem_comp.type
_chem_comp.name
_chem_comp.formula
CL non-polymer 'CHLORIDE ION' 'Cl -1'
#
# COMPACT_ATOMS: atom_id res chain seq x y z
N MET A 1 -5.45 9.61 16.07
CA MET A 1 -4.88 9.09 14.79
C MET A 1 -5.19 7.60 14.64
N LYS A 2 -5.88 7.20 13.56
CA LYS A 2 -6.02 5.78 13.27
C LYS A 2 -5.03 5.31 12.22
N LYS A 3 -4.85 6.10 11.16
CA LYS A 3 -3.96 5.72 10.06
C LYS A 3 -2.79 6.68 9.99
N ILE A 4 -1.59 6.16 10.27
CA ILE A 4 -0.39 6.99 10.36
C ILE A 4 0.59 6.49 9.31
N ALA A 5 1.03 7.40 8.45
CA ALA A 5 2.07 7.08 7.47
C ALA A 5 3.38 7.70 7.91
N ILE A 6 4.46 6.95 7.79
CA ILE A 6 5.77 7.51 8.13
C ILE A 6 6.68 7.44 6.91
N PHE A 7 7.21 8.60 6.53
CA PHE A 7 8.01 8.74 5.31
C PHE A 7 9.40 9.17 5.73
N GLY A 8 10.34 8.23 5.64
CA GLY A 8 11.74 8.53 5.95
C GLY A 8 12.47 8.91 4.68
N SER A 9 13.33 9.92 4.80
CA SER A 9 14.17 10.36 3.68
C SER A 9 15.31 11.17 4.25
N ALA A 10 16.37 11.35 3.47
CA ALA A 10 17.43 12.27 3.84
C ALA A 10 16.90 13.71 3.89
N PHE A 11 15.90 14.03 3.05
CA PHE A 11 15.42 15.42 2.87
C PHE A 11 16.62 16.39 2.77
N ASN A 12 17.44 16.16 1.75
CA ASN A 12 18.78 16.71 1.64
C ASN A 12 18.99 17.40 0.27
N PRO A 13 18.17 18.43 -0.04
CA PRO A 13 17.07 19.06 0.70
C PRO A 13 15.69 18.48 0.34
N PRO A 14 14.64 18.76 1.16
CA PRO A 14 13.27 18.48 0.73
C PRO A 14 13.04 19.16 -0.63
N SER A 15 12.33 18.46 -1.52
CA SER A 15 12.18 18.92 -2.90
C SER A 15 10.74 18.72 -3.39
N LEU A 16 10.46 19.17 -4.60
CA LEU A 16 9.14 18.90 -5.19
C LEU A 16 8.96 17.43 -5.45
N GLY A 17 10.06 16.67 -5.47
CA GLY A 17 9.96 15.21 -5.55
C GLY A 17 9.27 14.63 -4.32
N HIS A 18 9.76 15.01 -3.15
CA HIS A 18 9.12 14.60 -1.89
C HIS A 18 7.68 15.06 -1.85
N LYS A 19 7.43 16.30 -2.24
CA LYS A 19 6.07 16.81 -2.23
C LYS A 19 5.12 15.95 -3.07
N SER A 20 5.59 15.50 -4.24
CA SER A 20 4.76 14.68 -5.13
C SER A 20 4.30 13.36 -4.48
N VAL A 21 5.08 12.88 -3.52
CA VAL A 21 4.72 11.69 -2.75
C VAL A 21 3.76 12.10 -1.60
N ILE A 22 4.17 13.09 -0.83
CA ILE A 22 3.48 13.46 0.41
C ILE A 22 2.05 13.94 0.13
N GLU A 23 1.86 14.65 -0.98
CA GLU A 23 0.53 15.21 -1.31
C GLU A 23 -0.46 14.11 -1.69
N SER A 24 0.01 12.89 -1.93
CA SER A 24 -0.87 11.77 -2.28
C SER A 24 -1.50 11.12 -1.05
N LEU A 25 -1.14 11.62 0.14
CA LEU A 25 -1.45 10.91 1.40
C LEU A 25 -2.54 11.58 2.24
N SER A 26 -3.45 12.27 1.57
CA SER A 26 -4.52 13.01 2.25
C SER A 26 -5.49 12.12 3.04
N HIS A 27 -5.56 10.84 2.67
CA HIS A 27 -6.43 9.87 3.33
C HIS A 27 -5.82 9.33 4.64
N PHE A 28 -4.56 9.67 4.94
CA PHE A 28 -3.99 9.34 6.24
C PHE A 28 -4.31 10.40 7.28
N ASP A 29 -4.46 9.96 8.54
CA ASP A 29 -4.76 10.91 9.62
C ASP A 29 -3.56 11.73 9.98
N LEU A 30 -2.37 11.13 9.84
CA LEU A 30 -1.12 11.77 10.19
C LEU A 30 -0.04 11.25 9.27
N VAL A 31 0.76 12.16 8.74
CA VAL A 31 1.90 11.81 7.88
C VAL A 31 3.13 12.38 8.53
N LEU A 32 4.06 11.49 8.90
CA LEU A 32 5.25 11.91 9.64
C LEU A 32 6.45 11.91 8.71
N LEU A 33 7.14 13.05 8.65
CA LEU A 33 8.37 13.15 7.87
C LEU A 33 9.57 12.99 8.80
N GLU A 34 10.28 11.88 8.64
CA GLU A 34 11.41 11.53 9.52
C GLU A 34 12.74 11.69 8.78
N PRO A 35 13.46 12.82 9.00
CA PRO A 35 14.76 12.95 8.31
C PRO A 35 15.78 11.99 8.91
N SER A 36 16.53 11.33 8.04
CA SER A 36 17.46 10.31 8.50
C SER A 36 18.67 10.95 9.17
N ILE A 37 19.12 10.35 10.26
CA ILE A 37 20.35 10.78 10.93
C ILE A 37 21.56 10.18 10.22
N MET A 45 26.52 18.18 1.23
CA MET A 45 25.69 17.43 2.16
C MET A 45 25.27 18.31 3.35
N LEU A 46 23.97 18.34 3.64
CA LEU A 46 23.45 19.22 4.69
C LEU A 46 23.36 18.48 6.02
N ASP A 47 23.85 19.09 7.11
CA ASP A 47 23.79 18.42 8.42
C ASP A 47 22.35 18.27 8.94
N TYR A 48 22.18 17.44 9.97
CA TYR A 48 20.85 17.11 10.48
C TYR A 48 20.03 18.33 10.96
N PRO A 49 20.61 19.21 11.82
CA PRO A 49 19.81 20.35 12.26
C PRO A 49 19.30 21.27 11.14
N ILE A 50 20.11 21.50 10.10
CA ILE A 50 19.63 22.28 8.96
C ILE A 50 18.55 21.54 8.16
N ARG A 51 18.74 20.24 7.94
CA ARG A 51 17.71 19.45 7.27
C ARG A 51 16.37 19.51 8.04
N CYS A 52 16.44 19.49 9.37
CA CYS A 52 15.22 19.62 10.17
C CYS A 52 14.54 20.97 9.95
N LYS A 53 15.32 22.05 9.95
CA LYS A 53 14.77 23.37 9.66
C LYS A 53 14.19 23.47 8.24
N LEU A 54 14.88 22.86 7.27
CA LEU A 54 14.35 22.81 5.90
C LEU A 54 13.01 22.06 5.81
N VAL A 55 12.90 20.95 6.53
CA VAL A 55 11.67 20.15 6.56
C VAL A 55 10.54 20.95 7.20
N ASP A 56 10.85 21.68 8.28
CA ASP A 56 9.84 22.56 8.89
C ASP A 56 9.35 23.63 7.88
N ALA A 57 10.26 24.24 7.13
CA ALA A 57 9.89 25.22 6.09
C ALA A 57 9.04 24.57 4.99
N PHE A 58 9.46 23.37 4.58
CA PHE A 58 8.76 22.56 3.57
C PHE A 58 7.32 22.28 4.00
N ILE A 59 7.14 21.87 5.26
CA ILE A 59 5.81 21.59 5.79
C ILE A 59 4.94 22.86 5.79
N LYS A 60 5.52 23.99 6.20
CA LYS A 60 4.80 25.27 6.18
C LYS A 60 4.37 25.56 4.74
N ASP A 61 5.29 25.40 3.79
CA ASP A 61 5.00 25.70 2.39
C ASP A 61 3.89 24.83 1.80
N MET A 62 3.91 23.54 2.11
CA MET A 62 2.94 22.62 1.52
C MET A 62 1.53 22.90 2.02
N GLY A 63 1.42 23.39 3.25
CA GLY A 63 0.12 23.76 3.82
C GLY A 63 -0.87 22.62 3.93
N LEU A 64 -0.36 21.40 4.07
CA LEU A 64 -1.20 20.21 4.21
C LEU A 64 -1.37 19.86 5.69
N SER A 65 -2.62 19.81 6.12
CA SER A 65 -2.97 19.73 7.54
C SER A 65 -2.46 18.46 8.24
N ASN A 66 -2.29 17.36 7.50
CA ASN A 66 -1.93 16.10 8.17
C ASN A 66 -0.44 15.82 8.31
N VAL A 67 0.41 16.74 7.88
CA VAL A 67 1.87 16.48 7.85
C VAL A 67 2.59 17.12 9.05
N GLN A 68 3.46 16.34 9.70
CA GLN A 68 4.30 16.84 10.79
C GLN A 68 5.67 16.24 10.67
N ARG A 69 6.68 16.94 11.19
CA ARG A 69 8.01 16.35 11.27
C ARG A 69 8.12 15.47 12.50
N SER A 70 8.70 14.30 12.32
CA SER A 70 8.98 13.42 13.44
C SER A 70 10.49 13.33 13.67
N ASP A 71 10.86 13.07 14.93
CA ASP A 71 12.26 13.00 15.31
C ASP A 71 12.57 11.71 16.07
N LEU A 72 11.85 10.64 15.73
CA LEU A 72 12.05 9.33 16.38
C LEU A 72 13.49 8.80 16.34
N GLU A 73 14.19 9.06 15.25
CA GLU A 73 15.57 8.62 15.10
C GLU A 73 16.49 9.21 16.16
N GLN A 74 16.16 10.41 16.65
CA GLN A 74 16.97 11.07 17.68
C GLN A 74 17.10 10.23 18.95
N ALA A 75 15.97 9.72 19.47
CA ALA A 75 16.02 8.93 20.72
C ALA A 75 16.50 7.51 20.44
N LEU A 76 16.28 7.05 19.21
CA LEU A 76 16.70 5.70 18.82
C LEU A 76 18.20 5.63 18.52
N TYR A 77 18.77 6.78 18.16
CA TYR A 77 20.18 6.86 17.77
C TYR A 77 21.07 6.78 19.00
N SER A 82 23.15 1.86 13.71
CA SER A 82 22.31 2.75 12.90
C SER A 82 20.83 2.48 13.14
N VAL A 83 19.97 3.46 12.84
CA VAL A 83 18.53 3.29 13.07
C VAL A 83 17.82 2.55 11.93
N THR A 84 17.31 1.36 12.22
CA THR A 84 16.68 0.54 11.20
C THR A 84 15.22 0.92 11.05
N THR A 85 14.68 0.60 9.88
CA THR A 85 13.26 0.75 9.61
C THR A 85 12.45 -0.01 10.65
N TYR A 86 12.85 -1.25 10.96
CA TYR A 86 12.16 -2.01 11.99
C TYR A 86 12.09 -1.24 13.32
N ALA A 87 13.22 -0.67 13.76
CA ALA A 87 13.25 0.03 15.04
C ALA A 87 12.35 1.26 14.99
N LEU A 88 12.33 1.94 13.85
CA LEU A 88 11.53 3.13 13.69
C LEU A 88 10.03 2.78 13.78
N LEU A 89 9.64 1.70 13.11
CA LEU A 89 8.22 1.28 13.09
C LEU A 89 7.80 0.77 14.46
N GLU A 90 8.68 0.03 15.12
CA GLU A 90 8.38 -0.47 16.46
C GLU A 90 8.12 0.70 17.40
N LYS A 91 8.93 1.75 17.26
CA LYS A 91 8.85 2.89 18.18
C LYS A 91 7.55 3.67 17.94
N ILE A 92 7.23 3.93 16.67
CA ILE A 92 5.99 4.67 16.38
C ILE A 92 4.77 3.86 16.81
N GLN A 93 4.84 2.53 16.69
CA GLN A 93 3.75 1.67 17.13
C GLN A 93 3.56 1.75 18.64
N GLU A 94 4.66 1.85 19.40
CA GLU A 94 4.61 1.97 20.85
C GLU A 94 4.02 3.33 21.24
N ILE A 95 4.31 4.37 20.45
CA ILE A 95 3.78 5.70 20.77
C ILE A 95 2.28 5.74 20.50
N TYR A 96 1.85 5.06 19.43
CA TYR A 96 0.43 5.04 19.03
C TYR A 96 -0.10 3.60 18.95
N PRO A 97 -0.36 2.97 20.10
CA PRO A 97 -0.68 1.54 20.07
C PRO A 97 -1.97 1.20 19.31
N THR A 98 -2.91 2.15 19.29
CA THR A 98 -4.17 1.87 18.61
C THR A 98 -4.14 2.15 17.11
N ALA A 99 -3.09 2.82 16.62
CA ALA A 99 -3.01 3.18 15.21
C ALA A 99 -2.50 2.04 14.34
N ASP A 100 -2.87 2.09 13.06
CA ASP A 100 -2.29 1.24 12.03
C ASP A 100 -1.22 2.04 11.29
N ILE A 101 -0.02 1.47 11.20
CA ILE A 101 1.15 2.20 10.68
C ILE A 101 1.49 1.75 9.27
N THR A 102 1.76 2.73 8.40
CA THR A 102 2.20 2.50 7.03
C THR A 102 3.55 3.15 6.83
N PHE A 103 4.51 2.37 6.32
CA PHE A 103 5.84 2.89 6.01
C PHE A 103 5.86 3.27 4.53
N VAL A 104 6.16 4.53 4.23
CA VAL A 104 6.20 5.04 2.86
C VAL A 104 7.63 4.94 2.34
N ILE A 105 7.78 4.28 1.19
CA ILE A 105 9.06 3.95 0.63
CA ILE A 105 9.11 4.11 0.62
C ILE A 105 9.13 4.37 -0.85
N GLY A 106 10.35 4.53 -1.38
CA GLY A 106 10.52 4.76 -2.80
C GLY A 106 10.38 3.44 -3.55
N PRO A 107 10.05 3.49 -4.85
CA PRO A 107 9.92 2.22 -5.57
C PRO A 107 11.19 1.36 -5.60
N ASP A 108 12.36 1.99 -5.70
CA ASP A 108 13.62 1.24 -5.72
C ASP A 108 13.74 0.34 -4.50
N ASN A 109 13.48 0.91 -3.31
CA ASN A 109 13.53 0.15 -2.07
C ASN A 109 12.37 -0.84 -1.93
N PHE A 110 11.21 -0.51 -2.52
CA PHE A 110 10.09 -1.44 -2.53
C PHE A 110 10.51 -2.75 -3.20
N PHE A 111 11.22 -2.64 -4.31
CA PHE A 111 11.63 -3.84 -5.05
C PHE A 111 12.71 -4.63 -4.34
N LYS A 112 13.47 -3.99 -3.44
CA LYS A 112 14.52 -4.73 -2.73
C LYS A 112 14.20 -4.92 -1.25
N PHE A 113 12.93 -4.88 -0.92
CA PHE A 113 12.52 -4.89 0.49
C PHE A 113 12.93 -6.17 1.22
N ALA A 114 12.99 -7.29 0.51
CA ALA A 114 13.32 -8.57 1.15
C ALA A 114 14.69 -8.58 1.80
N LYS A 115 15.53 -7.61 1.43
CA LYS A 115 16.87 -7.53 2.00
C LYS A 115 16.95 -6.71 3.27
N PHE A 116 15.90 -5.92 3.56
CA PHE A 116 15.83 -5.06 4.76
C PHE A 116 15.95 -5.93 6.00
N TYR A 117 16.63 -5.39 7.03
CA TYR A 117 16.65 -6.01 8.34
C TYR A 117 15.22 -6.26 8.83
N LYS A 118 14.97 -7.50 9.24
CA LYS A 118 13.63 -7.92 9.74
C LYS A 118 12.49 -7.62 8.74
N ALA A 119 12.77 -7.70 7.45
CA ALA A 119 11.73 -7.51 6.42
C ALA A 119 10.50 -8.39 6.65
N GLU A 120 10.72 -9.69 6.91
CA GLU A 120 9.59 -10.60 7.11
C GLU A 120 8.72 -10.14 8.28
N GLU A 121 9.36 -9.81 9.40
CA GLU A 121 8.66 -9.35 10.59
C GLU A 121 7.89 -8.06 10.31
N ILE A 122 8.48 -7.16 9.53
CA ILE A 122 7.79 -5.89 9.15
C ILE A 122 6.50 -6.23 8.42
N THR A 123 6.58 -7.20 7.50
CA THR A 123 5.41 -7.57 6.69
C THR A 123 4.36 -8.37 7.45
N GLU A 124 4.68 -8.76 8.68
CA GLU A 124 3.69 -9.36 9.54
C GLU A 124 2.91 -8.34 10.35
N ARG A 125 3.43 -7.11 10.44
CA ARG A 125 2.93 -6.15 11.39
C ARG A 125 2.41 -4.88 10.76
N TRP A 126 3.07 -4.43 9.70
CA TRP A 126 2.87 -3.07 9.17
C TRP A 126 2.69 -3.07 7.66
N THR A 127 2.01 -2.03 7.16
CA THR A 127 1.83 -1.84 5.72
C THR A 127 3.08 -1.15 5.17
N VAL A 128 3.50 -1.58 3.99
CA VAL A 128 4.61 -0.94 3.27
C VAL A 128 4.05 -0.44 1.92
N MET A 129 4.26 0.84 1.66
CA MET A 129 3.59 1.53 0.53
C MET A 129 4.60 2.28 -0.31
N ALA A 130 4.64 2.00 -1.62
CA ALA A 130 5.46 2.75 -2.57
C ALA A 130 4.57 3.74 -3.28
N CYS A 131 4.86 5.02 -3.16
CA CYS A 131 4.06 6.03 -3.86
C CYS A 131 4.84 6.48 -5.09
N PRO A 132 4.13 6.77 -6.19
CA PRO A 132 4.90 7.16 -7.38
C PRO A 132 5.60 8.52 -7.22
N GLU A 133 6.84 8.58 -7.70
CA GLU A 133 7.58 9.84 -7.70
C GLU A 133 7.21 10.60 -8.97
N LYS A 134 6.10 11.33 -8.89
CA LYS A 134 5.51 12.00 -10.05
C LYS A 134 6.37 13.14 -10.53
N VAL A 135 7.16 13.71 -9.61
CA VAL A 135 8.17 14.71 -9.94
C VAL A 135 9.49 14.05 -9.61
N LYS A 136 10.39 14.04 -10.59
CA LYS A 136 11.63 13.29 -10.54
CA LYS A 136 11.63 13.28 -10.53
C LYS A 136 12.83 14.22 -10.40
N ILE A 137 13.39 14.29 -9.18
CA ILE A 137 14.50 15.21 -8.89
CA ILE A 137 14.53 15.17 -8.94
C ILE A 137 15.51 14.53 -7.95
N ARG A 138 16.79 14.50 -8.35
CA ARG A 138 17.85 13.91 -7.53
C ARG A 138 18.37 14.98 -6.59
N SER A 139 18.63 14.59 -5.34
CA SER A 139 19.11 15.53 -4.34
C SER A 139 20.44 16.11 -4.77
N THR A 140 21.31 15.24 -5.33
CA THR A 140 22.63 15.66 -5.78
C THR A 140 22.54 16.81 -6.79
N ASP A 141 21.54 16.75 -7.67
CA ASP A 141 21.30 17.81 -8.65
C ASP A 141 20.93 19.17 -8.05
N ILE A 142 20.13 19.16 -6.98
CA ILE A 142 19.80 20.41 -6.30
C ILE A 142 21.03 21.00 -5.61
N ARG A 143 21.75 20.17 -4.86
CA ARG A 143 22.92 20.63 -4.09
C ARG A 143 24.05 21.07 -5.00
N ASN A 144 24.17 20.42 -6.14
CA ASN A 144 25.09 20.87 -7.20
C ASN A 144 24.67 22.19 -7.84
N ALA A 145 23.37 22.41 -7.99
CA ALA A 145 22.86 23.66 -8.54
C ALA A 145 23.18 24.85 -7.64
N LEU A 146 23.09 24.61 -6.33
CA LEU A 146 23.45 25.61 -5.32
C LEU A 146 24.93 26.01 -5.42
N ILE A 147 25.79 25.01 -5.53
CA ILE A 147 27.23 25.26 -5.68
C ILE A 147 27.53 25.97 -6.99
N GLU A 148 26.85 25.57 -8.06
CA GLU A 148 27.05 26.16 -9.39
C GLU A 148 26.40 27.54 -9.55
N GLY A 149 25.49 27.88 -8.63
CA GLY A 149 24.85 29.20 -8.64
C GLY A 149 23.64 29.34 -9.54
N LYS A 150 23.06 28.21 -9.97
CA LYS A 150 21.86 28.17 -10.81
C LYS A 150 20.57 28.23 -10.01
N ASP A 151 19.51 28.70 -10.63
CA ASP A 151 18.22 28.88 -9.98
C ASP A 151 17.59 27.54 -9.57
N ILE A 152 17.19 27.43 -8.31
CA ILE A 152 16.59 26.21 -7.80
C ILE A 152 15.12 26.38 -7.43
N SER A 153 14.53 27.51 -7.82
CA SER A 153 13.17 27.87 -7.41
C SER A 153 12.11 26.88 -7.88
N THR A 154 12.39 26.17 -8.97
CA THR A 154 11.45 25.18 -9.48
C THR A 154 11.79 23.78 -8.99
N TYR A 155 12.77 23.67 -8.10
CA TYR A 155 13.16 22.35 -7.59
C TYR A 155 12.58 22.04 -6.22
N THR A 156 12.18 23.09 -5.53
CA THR A 156 11.65 22.93 -4.18
C THR A 156 10.68 24.06 -3.88
N THR A 157 10.19 24.11 -2.64
CA THR A 157 9.21 25.10 -2.26
C THR A 157 9.88 26.42 -1.84
N PRO A 158 9.12 27.53 -1.85
CA PRO A 158 9.77 28.85 -1.73
C PRO A 158 10.58 29.12 -0.46
N THR A 159 10.07 28.69 0.70
CA THR A 159 10.81 28.96 1.95
C THR A 159 12.07 28.10 2.01
N VAL A 160 11.99 26.87 1.53
CA VAL A 160 13.16 26.00 1.47
C VAL A 160 14.26 26.62 0.59
N SER A 161 13.88 27.09 -0.59
CA SER A 161 14.84 27.68 -1.51
C SER A 161 15.47 28.96 -0.92
N GLU A 162 14.65 29.78 -0.26
CA GLU A 162 15.16 30.96 0.45
C GLU A 162 16.19 30.60 1.53
N LEU A 163 15.91 29.58 2.34
CA LEU A 163 16.85 29.10 3.34
C LEU A 163 18.14 28.52 2.75
N LEU A 164 18.02 27.79 1.65
CA LEU A 164 19.19 27.18 0.99
C LEU A 164 20.15 28.26 0.49
N LEU A 165 19.60 29.32 -0.10
CA LEU A 165 20.42 30.43 -0.59
C LEU A 165 21.14 31.18 0.52
N ASN A 166 20.63 31.06 1.74
CA ASN A 166 21.24 31.74 2.88
C ASN A 166 22.17 30.84 3.70
N MET B 1 -14.73 7.09 -5.48
CA MET B 1 -14.52 8.56 -5.28
C MET B 1 -13.09 9.02 -5.58
N LYS B 2 -12.37 9.47 -4.56
CA LYS B 2 -11.09 10.05 -4.83
C LYS B 2 -9.94 9.08 -4.56
N LYS B 3 -10.01 8.31 -3.46
CA LYS B 3 -9.00 7.28 -3.16
C LYS B 3 -9.59 5.88 -3.33
N ILE B 4 -9.12 5.16 -4.35
CA ILE B 4 -9.66 3.84 -4.66
C ILE B 4 -8.53 2.81 -4.55
N ALA B 5 -8.76 1.76 -3.78
CA ALA B 5 -7.79 0.67 -3.64
C ALA B 5 -8.35 -0.52 -4.40
N ILE B 6 -7.48 -1.21 -5.13
CA ILE B 6 -7.85 -2.40 -5.89
CA ILE B 6 -7.90 -2.41 -5.83
C ILE B 6 -7.12 -3.62 -5.33
N PHE B 7 -7.86 -4.65 -4.95
CA PHE B 7 -7.27 -5.84 -4.39
C PHE B 7 -7.63 -7.01 -5.28
N GLY B 8 -6.64 -7.51 -6.01
CA GLY B 8 -6.85 -8.69 -6.84
C GLY B 8 -6.45 -9.96 -6.11
N SER B 9 -7.19 -11.02 -6.39
CA SER B 9 -6.90 -12.31 -5.81
C SER B 9 -7.68 -13.34 -6.57
N ALA B 10 -7.24 -14.59 -6.51
CA ALA B 10 -8.06 -15.68 -6.98
C ALA B 10 -9.35 -15.80 -6.17
N PHE B 11 -9.32 -15.39 -4.89
CA PHE B 11 -10.48 -15.59 -3.99
C PHE B 11 -11.01 -17.01 -4.11
N ASN B 12 -10.10 -17.97 -3.93
CA ASN B 12 -10.32 -19.37 -4.28
C ASN B 12 -10.12 -20.32 -3.09
N PRO B 13 -10.95 -20.19 -2.04
CA PRO B 13 -12.05 -19.24 -1.86
C PRO B 13 -11.64 -18.06 -0.96
N PRO B 14 -12.51 -17.05 -0.87
CA PRO B 14 -12.23 -15.92 0.05
C PRO B 14 -12.02 -16.44 1.47
N SER B 15 -11.01 -15.89 2.14
CA SER B 15 -10.59 -16.39 3.45
C SER B 15 -10.48 -15.26 4.46
N LEU B 16 -10.27 -15.65 5.72
CA LEU B 16 -9.95 -14.67 6.76
C LEU B 16 -8.61 -13.97 6.50
N GLY B 17 -7.75 -14.58 5.68
CA GLY B 17 -6.50 -13.93 5.24
C GLY B 17 -6.81 -12.73 4.36
N HIS B 18 -7.72 -12.91 3.39
CA HIS B 18 -8.17 -11.77 2.59
C HIS B 18 -8.82 -10.71 3.45
N LYS B 19 -9.63 -11.13 4.41
CA LYS B 19 -10.31 -10.19 5.30
C LYS B 19 -9.26 -9.33 6.04
N SER B 20 -8.18 -9.95 6.49
CA SER B 20 -7.16 -9.19 7.25
CA SER B 20 -7.13 -9.22 7.25
C SER B 20 -6.54 -8.08 6.42
N VAL B 21 -6.45 -8.30 5.11
CA VAL B 21 -5.93 -7.27 4.22
C VAL B 21 -7.00 -6.18 4.02
N ILE B 22 -8.21 -6.61 3.65
CA ILE B 22 -9.26 -5.68 3.21
C ILE B 22 -9.73 -4.77 4.35
N GLU B 23 -9.80 -5.30 5.56
CA GLU B 23 -10.26 -4.52 6.70
C GLU B 23 -9.27 -3.42 7.07
N SER B 24 -8.05 -3.47 6.54
CA SER B 24 -7.05 -2.42 6.82
C SER B 24 -7.21 -1.20 5.94
N LEU B 25 -8.20 -1.20 5.04
CA LEU B 25 -8.32 -0.19 3.97
C LEU B 25 -9.48 0.78 4.23
N SER B 26 -9.83 0.98 5.49
CA SER B 26 -10.99 1.81 5.85
C SER B 26 -10.81 3.27 5.39
N HIS B 27 -9.55 3.67 5.18
CA HIS B 27 -9.22 5.05 4.80
C HIS B 27 -9.37 5.34 3.32
N PHE B 28 -9.64 4.30 2.54
CA PHE B 28 -9.97 4.50 1.13
C PHE B 28 -11.46 4.75 0.97
N ASP B 29 -11.81 5.54 -0.04
CA ASP B 29 -13.21 5.81 -0.33
C ASP B 29 -13.94 4.61 -0.93
N LEU B 30 -13.19 3.82 -1.69
CA LEU B 30 -13.74 2.65 -2.33
C LEU B 30 -12.64 1.59 -2.43
N VAL B 31 -12.99 0.34 -2.13
CA VAL B 31 -12.08 -0.80 -2.23
C VAL B 31 -12.72 -1.79 -3.18
N LEU B 32 -12.03 -2.08 -4.28
CA LEU B 32 -12.60 -3.00 -5.29
C LEU B 32 -11.92 -4.36 -5.19
N LEU B 33 -12.73 -5.41 -5.11
CA LEU B 33 -12.21 -6.76 -5.07
C LEU B 33 -12.38 -7.35 -6.47
N GLU B 34 -11.27 -7.64 -7.11
CA GLU B 34 -11.27 -8.20 -8.47
CA GLU B 34 -11.26 -8.18 -8.48
C GLU B 34 -10.81 -9.65 -8.48
N PRO B 35 -11.76 -10.59 -8.63
CA PRO B 35 -11.36 -11.99 -8.69
C PRO B 35 -10.63 -12.25 -10.01
N SER B 36 -9.55 -13.01 -9.95
CA SER B 36 -8.74 -13.23 -11.15
C SER B 36 -9.34 -14.27 -12.10
N ILE B 37 -8.92 -14.20 -13.37
CA ILE B 37 -9.19 -15.28 -14.34
C ILE B 37 -7.87 -15.91 -14.78
N ASN B 44 -7.39 -26.99 -9.31
CA ASN B 44 -8.10 -26.71 -8.07
C ASN B 44 -8.73 -25.32 -8.08
N MET B 45 -9.00 -24.81 -9.28
CA MET B 45 -9.59 -23.49 -9.42
C MET B 45 -11.11 -23.59 -9.61
N LEU B 46 -11.85 -22.99 -8.68
CA LEU B 46 -13.29 -22.89 -8.80
CA LEU B 46 -13.30 -22.87 -8.81
C LEU B 46 -13.63 -21.97 -9.98
N ASP B 47 -14.68 -22.31 -10.72
CA ASP B 47 -15.14 -21.46 -11.82
C ASP B 47 -15.41 -20.04 -11.36
N TYR B 48 -15.10 -19.10 -12.24
CA TYR B 48 -15.18 -17.67 -11.94
C TYR B 48 -16.56 -17.25 -11.39
N PRO B 49 -17.67 -17.65 -12.03
CA PRO B 49 -18.96 -17.17 -11.49
C PRO B 49 -19.22 -17.65 -10.06
N ILE B 50 -18.73 -18.85 -9.73
CA ILE B 50 -18.88 -19.32 -8.35
C ILE B 50 -18.03 -18.49 -7.38
N ARG B 51 -16.81 -18.16 -7.78
CA ARG B 51 -15.96 -17.30 -6.94
C ARG B 51 -16.58 -15.91 -6.76
N CYS B 52 -17.22 -15.38 -7.81
CA CYS B 52 -17.96 -14.12 -7.68
C CYS B 52 -19.07 -14.23 -6.63
N LYS B 53 -19.84 -15.33 -6.66
CA LYS B 53 -20.90 -15.57 -5.69
C LYS B 53 -20.32 -15.62 -4.26
N LEU B 54 -19.19 -16.30 -4.10
CA LEU B 54 -18.52 -16.36 -2.79
C LEU B 54 -18.05 -14.99 -2.32
N VAL B 55 -17.44 -14.23 -3.24
CA VAL B 55 -17.01 -12.86 -2.93
C VAL B 55 -18.19 -11.96 -2.50
N ASP B 56 -19.33 -12.07 -3.18
CA ASP B 56 -20.50 -11.28 -2.78
C ASP B 56 -20.91 -11.62 -1.34
N ALA B 57 -20.90 -12.90 -0.98
CA ALA B 57 -21.26 -13.31 0.39
C ALA B 57 -20.26 -12.82 1.41
N PHE B 58 -19.00 -12.89 1.01
CA PHE B 58 -17.84 -12.48 1.81
C PHE B 58 -17.95 -10.99 2.16
N ILE B 59 -18.24 -10.18 1.14
CA ILE B 59 -18.44 -8.74 1.33
C ILE B 59 -19.56 -8.45 2.34
N LYS B 60 -20.68 -9.15 2.19
CA LYS B 60 -21.81 -8.98 3.10
C LYS B 60 -21.41 -9.37 4.51
N ASP B 61 -20.74 -10.51 4.65
CA ASP B 61 -20.23 -10.94 5.95
C ASP B 61 -19.29 -9.94 6.64
N MET B 62 -18.34 -9.38 5.89
CA MET B 62 -17.34 -8.43 6.47
C MET B 62 -18.01 -7.15 6.99
N GLY B 63 -19.08 -6.75 6.33
CA GLY B 63 -19.88 -5.60 6.77
C GLY B 63 -19.12 -4.28 6.70
N LEU B 64 -18.17 -4.20 5.77
CA LEU B 64 -17.35 -3.02 5.57
C LEU B 64 -17.94 -2.21 4.42
N SER B 65 -18.29 -0.96 4.73
CA SER B 65 -19.11 -0.16 3.84
C SER B 65 -18.42 0.32 2.57
N ASN B 66 -17.08 0.31 2.53
CA ASN B 66 -16.38 0.80 1.33
C ASN B 66 -16.00 -0.27 0.31
N VAL B 67 -16.39 -1.52 0.53
CA VAL B 67 -15.94 -2.63 -0.33
C VAL B 67 -16.99 -3.04 -1.36
N GLN B 68 -16.56 -3.21 -2.60
CA GLN B 68 -17.44 -3.71 -3.67
C GLN B 68 -16.68 -4.73 -4.50
N ARG B 69 -17.42 -5.65 -5.13
CA ARG B 69 -16.81 -6.53 -6.12
C ARG B 69 -16.76 -5.82 -7.48
N SER B 70 -15.65 -6.01 -8.19
CA SER B 70 -15.47 -5.45 -9.51
C SER B 70 -15.22 -6.60 -10.48
N ASP B 71 -15.66 -6.44 -11.73
CA ASP B 71 -15.51 -7.52 -12.72
C ASP B 71 -14.81 -7.07 -14.00
N LEU B 72 -13.94 -6.07 -13.87
CA LEU B 72 -13.23 -5.53 -15.02
C LEU B 72 -12.27 -6.52 -15.67
N GLU B 73 -11.72 -7.46 -14.90
CA GLU B 73 -10.90 -8.54 -15.48
C GLU B 73 -11.67 -9.40 -16.46
N GLN B 74 -12.90 -9.79 -16.08
CA GLN B 74 -13.78 -10.55 -16.96
C GLN B 74 -13.97 -9.79 -18.27
N ALA B 75 -14.17 -8.48 -18.15
CA ALA B 75 -14.38 -7.61 -19.30
C ALA B 75 -13.16 -7.56 -20.23
N LEU B 76 -11.96 -7.65 -19.67
CA LEU B 76 -10.71 -7.59 -20.44
C LEU B 76 -10.27 -8.94 -21.01
N TYR B 77 -10.96 -10.01 -20.63
CA TYR B 77 -10.56 -11.37 -21.00
C TYR B 77 -10.58 -11.58 -22.52
N VAL B 83 -4.90 -11.39 -18.31
CA VAL B 83 -5.07 -10.02 -17.83
C VAL B 83 -4.06 -9.67 -16.74
N THR B 84 -3.10 -8.83 -17.11
CA THR B 84 -2.05 -8.42 -16.17
C THR B 84 -2.56 -7.33 -15.24
N THR B 85 -1.86 -7.15 -14.12
CA THR B 85 -2.16 -6.05 -13.20
C THR B 85 -2.07 -4.71 -13.93
N TYR B 86 -1.05 -4.57 -14.76
CA TYR B 86 -0.85 -3.37 -15.57
C TYR B 86 -2.10 -3.03 -16.41
N ALA B 87 -2.61 -4.04 -17.14
CA ALA B 87 -3.80 -3.86 -17.96
C ALA B 87 -5.03 -3.53 -17.13
N LEU B 88 -5.15 -4.20 -15.98
CA LEU B 88 -6.27 -4.01 -15.10
C LEU B 88 -6.27 -2.59 -14.55
N LEU B 89 -5.10 -2.14 -14.09
CA LEU B 89 -5.01 -0.77 -13.56
C LEU B 89 -5.28 0.29 -14.65
N GLU B 90 -4.82 0.05 -15.85
CA GLU B 90 -5.12 0.95 -16.96
C GLU B 90 -6.63 1.07 -17.16
N LYS B 91 -7.33 -0.03 -17.11
CA LYS B 91 -8.78 -0.05 -17.27
C LYS B 91 -9.52 0.63 -16.12
N ILE B 92 -9.09 0.35 -14.90
CA ILE B 92 -9.65 1.01 -13.74
C ILE B 92 -9.46 2.52 -13.81
N GLN B 93 -8.28 2.96 -14.23
CA GLN B 93 -8.03 4.40 -14.35
C GLN B 93 -8.93 5.03 -15.41
N GLU B 94 -9.24 4.27 -16.45
CA GLU B 94 -10.16 4.72 -17.50
C GLU B 94 -11.56 4.96 -16.95
N ILE B 95 -12.03 4.02 -16.12
CA ILE B 95 -13.38 4.04 -15.57
C ILE B 95 -13.52 5.13 -14.51
N TYR B 96 -12.45 5.33 -13.73
CA TYR B 96 -12.41 6.36 -12.68
C TYR B 96 -11.29 7.37 -12.96
N PRO B 97 -11.42 8.19 -14.02
CA PRO B 97 -10.26 8.96 -14.49
C PRO B 97 -9.72 10.03 -13.53
N THR B 98 -10.55 10.52 -12.61
CA THR B 98 -10.12 11.57 -11.69
C THR B 98 -9.70 11.00 -10.32
N ALA B 99 -9.78 9.68 -10.17
CA ALA B 99 -9.44 9.04 -8.90
C ALA B 99 -7.95 8.73 -8.80
N ASP B 100 -7.44 8.69 -7.57
CA ASP B 100 -6.09 8.20 -7.32
C ASP B 100 -6.21 6.73 -6.96
N ILE B 101 -5.57 5.87 -7.75
CA ILE B 101 -5.69 4.41 -7.58
C ILE B 101 -4.46 3.80 -6.89
N THR B 102 -4.74 2.93 -5.92
CA THR B 102 -3.69 2.16 -5.22
C THR B 102 -3.94 0.69 -5.50
N PHE B 103 -2.88 -0.03 -5.85
CA PHE B 103 -2.94 -1.47 -6.01
C PHE B 103 -2.46 -2.15 -4.75
N VAL B 104 -3.28 -3.07 -4.23
CA VAL B 104 -3.03 -3.74 -2.96
C VAL B 104 -2.58 -5.17 -3.19
N ILE B 105 -1.46 -5.51 -2.54
CA ILE B 105 -0.95 -6.89 -2.46
C ILE B 105 -0.66 -7.34 -1.02
N GLY B 106 -0.53 -8.65 -0.83
CA GLY B 106 -0.09 -9.22 0.43
C GLY B 106 1.39 -9.56 0.37
N PRO B 107 1.94 -10.10 1.48
CA PRO B 107 3.39 -10.28 1.58
C PRO B 107 4.03 -11.18 0.51
N ASP B 108 3.36 -12.25 0.13
CA ASP B 108 3.93 -13.19 -0.83
C ASP B 108 4.08 -12.56 -2.21
N ASN B 109 3.06 -11.84 -2.67
CA ASN B 109 3.25 -11.14 -3.91
C ASN B 109 4.20 -9.95 -3.75
N PHE B 110 4.24 -9.37 -2.55
CA PHE B 110 5.14 -8.27 -2.27
C PHE B 110 6.58 -8.63 -2.60
N PHE B 111 7.07 -9.73 -2.04
CA PHE B 111 8.46 -10.14 -2.31
C PHE B 111 8.66 -10.67 -3.74
N LYS B 112 7.56 -10.87 -4.48
CA LYS B 112 7.64 -11.35 -5.88
C LYS B 112 7.21 -10.27 -6.86
N PHE B 113 7.02 -9.05 -6.38
CA PHE B 113 6.44 -7.99 -7.23
C PHE B 113 7.27 -7.61 -8.47
N ALA B 114 8.60 -7.68 -8.36
CA ALA B 114 9.45 -7.41 -9.51
C ALA B 114 9.13 -8.32 -10.69
N LYS B 115 8.57 -9.50 -10.43
CA LYS B 115 8.24 -10.45 -11.49
C LYS B 115 6.99 -10.09 -12.28
N PHE B 116 6.17 -9.17 -11.76
CA PHE B 116 4.93 -8.72 -12.43
C PHE B 116 5.26 -8.09 -13.79
N TYR B 117 4.35 -8.26 -14.75
CA TYR B 117 4.47 -7.59 -16.03
C TYR B 117 4.50 -6.07 -15.86
N LYS B 118 5.58 -5.46 -16.38
CA LYS B 118 5.77 -4.01 -16.31
C LYS B 118 5.63 -3.48 -14.87
N ALA B 119 6.21 -4.22 -13.92
CA ALA B 119 6.18 -3.85 -12.51
C ALA B 119 6.69 -2.42 -12.29
N GLU B 120 7.80 -2.08 -12.95
CA GLU B 120 8.39 -0.77 -12.80
C GLU B 120 7.45 0.33 -13.31
N GLU B 121 6.83 0.10 -14.48
CA GLU B 121 5.86 1.08 -15.01
C GLU B 121 4.65 1.24 -14.08
N ILE B 122 4.20 0.15 -13.46
CA ILE B 122 3.13 0.23 -12.46
C ILE B 122 3.50 1.25 -11.37
N THR B 123 4.71 1.14 -10.85
CA THR B 123 5.18 2.00 -9.74
C THR B 123 5.39 3.45 -10.18
N GLU B 124 5.55 3.68 -11.48
CA GLU B 124 5.63 5.04 -12.02
C GLU B 124 4.29 5.76 -12.02
N ARG B 125 3.21 4.99 -12.05
CA ARG B 125 1.89 5.54 -12.32
C ARG B 125 0.96 5.46 -11.11
N TRP B 126 1.11 4.41 -10.31
CA TRP B 126 0.18 4.13 -9.23
C TRP B 126 0.90 3.80 -7.94
N THR B 127 0.21 4.00 -6.85
CA THR B 127 0.70 3.56 -5.53
C THR B 127 0.54 2.04 -5.44
N VAL B 128 1.54 1.38 -4.86
CA VAL B 128 1.46 -0.06 -4.60
C VAL B 128 1.63 -0.26 -3.09
N MET B 129 0.74 -1.04 -2.50
CA MET B 129 0.65 -1.12 -1.02
C MET B 129 0.67 -2.60 -0.68
N ALA B 130 1.62 -2.98 0.18
CA ALA B 130 1.67 -4.36 0.68
C ALA B 130 1.18 -4.36 2.13
N CYS B 131 0.03 -4.98 2.33
CA CYS B 131 -0.59 -5.04 3.66
C CYS B 131 -0.12 -6.27 4.40
N PRO B 132 -0.03 -6.20 5.73
CA PRO B 132 0.46 -7.34 6.50
C PRO B 132 -0.59 -8.46 6.60
N GLU B 133 -0.14 -9.70 6.56
CA GLU B 133 -1.04 -10.79 6.84
C GLU B 133 -0.92 -11.08 8.34
N LYS B 134 -2.01 -10.79 9.04
CA LYS B 134 -2.08 -10.96 10.49
C LYS B 134 -2.65 -12.34 10.80
N VAL B 135 -3.46 -12.85 9.88
CA VAL B 135 -4.04 -14.18 10.01
C VAL B 135 -3.61 -15.06 8.82
N SER B 139 -6.14 -19.70 1.30
CA SER B 139 -7.21 -20.42 0.61
C SER B 139 -6.88 -21.90 0.40
N THR B 140 -5.61 -22.21 0.23
CA THR B 140 -5.18 -23.62 0.02
C THR B 140 -5.43 -24.54 1.22
N ASP B 141 -5.51 -23.96 2.42
CA ASP B 141 -5.76 -24.72 3.64
C ASP B 141 -7.23 -25.10 3.72
N ILE B 142 -8.07 -24.19 3.23
CA ILE B 142 -9.51 -24.41 3.10
C ILE B 142 -9.80 -25.54 2.12
N ARG B 143 -9.25 -25.43 0.90
CA ARG B 143 -9.45 -26.46 -0.13
C ARG B 143 -9.07 -27.85 0.40
N ASN B 144 -7.94 -27.92 1.09
CA ASN B 144 -7.49 -29.14 1.75
C ASN B 144 -8.42 -29.69 2.84
N ALA B 145 -8.97 -28.80 3.67
CA ALA B 145 -9.87 -29.17 4.75
C ALA B 145 -11.22 -29.66 4.20
N LEU B 146 -11.68 -29.05 3.11
CA LEU B 146 -12.93 -29.48 2.47
C LEU B 146 -12.83 -30.86 1.83
N ILE B 147 -11.68 -31.15 1.22
CA ILE B 147 -11.47 -32.44 0.57
C ILE B 147 -11.40 -33.55 1.62
N GLU B 148 -10.98 -33.19 2.83
CA GLU B 148 -10.76 -34.13 3.93
C GLU B 148 -11.87 -34.14 4.99
N GLY B 149 -12.88 -33.28 4.79
CA GLY B 149 -14.03 -33.19 5.70
C GLY B 149 -13.77 -32.47 7.01
N LYS B 150 -12.69 -31.70 7.07
CA LYS B 150 -12.28 -30.98 8.28
C LYS B 150 -12.99 -29.65 8.44
N ASP B 151 -13.01 -29.15 9.68
CA ASP B 151 -13.66 -27.88 10.03
C ASP B 151 -13.02 -26.69 9.30
N ILE B 152 -13.84 -25.86 8.66
CA ILE B 152 -13.35 -24.65 7.98
C ILE B 152 -13.88 -23.35 8.60
N SER B 153 -14.64 -23.46 9.68
CA SER B 153 -15.30 -22.31 10.33
C SER B 153 -14.34 -21.26 10.89
N THR B 154 -13.07 -21.61 11.00
CA THR B 154 -12.03 -20.70 11.48
C THR B 154 -11.17 -20.17 10.33
N TYR B 155 -11.48 -20.59 9.11
CA TYR B 155 -10.71 -20.21 7.93
C TYR B 155 -11.39 -19.15 7.07
N THR B 156 -12.72 -19.06 7.19
CA THR B 156 -13.47 -18.11 6.39
C THR B 156 -14.68 -17.55 7.14
N THR B 157 -15.43 -16.68 6.47
CA THR B 157 -16.59 -16.04 7.07
C THR B 157 -17.83 -16.94 6.95
N PRO B 158 -18.85 -16.74 7.82
CA PRO B 158 -19.96 -17.73 7.93
C PRO B 158 -20.77 -18.04 6.67
N THR B 159 -21.09 -17.04 5.85
CA THR B 159 -21.93 -17.29 4.67
C THR B 159 -21.10 -17.98 3.59
N VAL B 160 -19.82 -17.63 3.51
CA VAL B 160 -18.89 -18.32 2.60
C VAL B 160 -18.79 -19.82 2.97
N SER B 161 -18.65 -20.10 4.28
CA SER B 161 -18.55 -21.49 4.74
CA SER B 161 -18.58 -21.48 4.79
C SER B 161 -19.82 -22.26 4.36
N GLU B 162 -20.98 -21.63 4.55
CA GLU B 162 -22.28 -22.21 4.19
C GLU B 162 -22.33 -22.58 2.72
N LEU B 163 -21.92 -21.66 1.86
CA LEU B 163 -21.98 -21.86 0.40
C LEU B 163 -21.00 -22.94 -0.06
N LEU B 164 -19.80 -22.91 0.52
CA LEU B 164 -18.79 -23.94 0.23
C LEU B 164 -19.30 -25.35 0.53
N LEU B 165 -19.92 -25.51 1.71
CA LEU B 165 -20.39 -26.82 2.13
C LEU B 165 -21.64 -27.23 1.37
N ASN B 166 -22.57 -26.31 1.17
CA ASN B 166 -23.86 -26.65 0.59
CA ASN B 166 -23.88 -26.58 0.57
C ASN B 166 -23.77 -27.07 -0.88
N GLU B 167 -22.80 -26.51 -1.60
CA GLU B 167 -22.65 -26.84 -3.01
C GLU B 167 -21.54 -27.86 -3.23
N GLY B 168 -20.94 -28.37 -2.16
CA GLY B 168 -19.85 -29.35 -2.24
C GLY B 168 -18.63 -28.84 -3.01
N LEU B 169 -18.41 -27.53 -2.92
CA LEU B 169 -17.27 -26.93 -3.59
C LEU B 169 -15.94 -27.55 -3.15
N TYR B 170 -15.07 -27.76 -4.13
CA TYR B 170 -13.73 -28.40 -3.98
C TYR B 170 -13.79 -29.90 -3.73
N ARG B 171 -14.61 -30.32 -2.78
CA ARG B 171 -14.73 -31.74 -2.43
C ARG B 171 -15.43 -32.55 -3.53
N GLU B 172 -16.46 -31.97 -4.14
CA GLU B 172 -17.28 -32.68 -5.12
C GLU B 172 -17.34 -32.02 -6.51
N THR B 173 -17.08 -30.71 -6.55
CA THR B 173 -17.17 -29.96 -7.81
C THR B 173 -16.29 -28.72 -7.83
N LEU B 174 -15.83 -28.34 -9.02
CA LEU B 174 -15.13 -27.06 -9.19
C LEU B 174 -15.88 -26.13 -10.13
N SER B 175 -16.86 -26.65 -10.87
CA SER B 175 -17.63 -25.80 -11.80
C SER B 175 -19.11 -25.69 -11.44
N GLY B 176 -19.55 -26.55 -10.53
CA GLY B 176 -20.95 -26.64 -10.13
C GLY B 176 -21.89 -27.18 -11.21
N LYS B 177 -21.34 -27.60 -12.35
CA LYS B 177 -22.14 -28.10 -13.48
C LYS B 177 -22.61 -29.56 -13.30
CL CL C . 16.75 13.61 -0.30
CL CL D . -7.10 -17.29 -3.05
#